data_3DIR
#
_entry.id   3DIR
#
_cell.length_a   54.805
_cell.length_b   78.839
_cell.length_c   143.318
_cell.angle_alpha   90.00
_cell.angle_beta   90.00
_cell.angle_gamma   90.00
#
_symmetry.space_group_name_H-M   'P 21 21 21'
#
loop_
_entity.id
_entity.type
_entity.pdbx_description
1 polymer 'RNA (174-MER)'
2 non-polymer 'POTASSIUM ION'
3 non-polymer 'SODIUM ION'
4 non-polymer N~6~-[(1Z)-ethanimidoyl]-L-lysine
5 water water
#
_entity_poly.entity_id   1
_entity_poly.type   'polyribonucleotide'
_entity_poly.pdbx_seq_one_letter_code
;(GTP)GCCGACGGAGGCGCGCCCGAGAUGAGUAGGCUGUCCCAUCAGGGGAGGAAUCGGGGACGGCUGAAAGGCGAGGGC
GCCGAAGGGUGCAGAGUUCCUCCCGCUCUGCAUGCCUGGGGGUAUGGGGAAUACCCAUACCACUGUCACGGAGGUCUCUC
CGUGGAGAGCCGUCGGU(CCC)
;
_entity_poly.pdbx_strand_id   A
#
loop_
_chem_comp.id
_chem_comp.type
_chem_comp.name
_chem_comp.formula
A RNA linking ADENOSINE-5'-MONOPHOSPHATE 'C10 H14 N5 O7 P'
C RNA linking CYTIDINE-5'-MONOPHOSPHATE 'C9 H14 N3 O8 P'
CCC RNA linking 'CYTIDINE-5'-PHOSPHATE-2',3'-CYCLIC PHOSPHATE' 'C9 H13 N3 O10 P2'
G RNA linking GUANOSINE-5'-MONOPHOSPHATE 'C10 H14 N5 O8 P'
GTP non-polymer GUANOSINE-5'-TRIPHOSPHATE 'C10 H16 N5 O14 P3'
K non-polymer 'POTASSIUM ION' 'K 1'
NA non-polymer 'SODIUM ION' 'Na 1'
U RNA linking URIDINE-5'-MONOPHOSPHATE 'C9 H13 N2 O9 P'
#
# COMPACT_ATOMS: atom_id res chain seq x y z
PG GTP A 1 -1.97 8.72 4.65
O1G GTP A 1 -1.33 8.18 5.91
O2G GTP A 1 -1.99 7.64 3.58
O3G GTP A 1 -1.13 9.90 4.16
O3B GTP A 1 -3.48 9.23 4.98
PB GTP A 1 -4.62 8.31 5.66
O1B GTP A 1 -5.87 9.15 5.84
O2B GTP A 1 -4.14 7.82 7.03
O3A GTP A 1 -4.95 7.12 4.78
PA GTP A 1 -4.80 5.62 4.22
O1A GTP A 1 -3.47 5.14 3.74
O2A GTP A 1 -5.92 5.81 3.27
O5' GTP A 1 -5.29 4.68 5.42
C5' GTP A 1 -4.41 4.34 6.49
C4' GTP A 1 -4.83 3.05 7.17
O4' GTP A 1 -6.27 3.01 7.33
C3' GTP A 1 -4.52 1.76 6.42
O3' GTP A 1 -3.16 1.37 6.54
C2' GTP A 1 -5.47 0.79 7.12
O2' GTP A 1 -5.02 0.38 8.39
C1' GTP A 1 -6.72 1.66 7.24
N9 GTP A 1 -7.66 1.50 6.12
C8 GTP A 1 -8.03 2.45 5.20
N7 GTP A 1 -8.88 2.02 4.31
C5 GTP A 1 -9.09 0.71 4.67
C6 GTP A 1 -9.92 -0.27 4.06
O6 GTP A 1 -10.65 -0.14 3.07
N1 GTP A 1 -9.86 -1.50 4.72
C2 GTP A 1 -9.08 -1.75 5.83
N2 GTP A 1 -9.13 -2.98 6.34
N3 GTP A 1 -8.30 -0.84 6.40
C4 GTP A 1 -8.36 0.36 5.77
PC CCC A 174 -12.86 -8.81 6.44
O1C CCC A 174 -13.97 -8.56 7.46
O2C CCC A 174 -11.70 -9.65 6.90
P CCC A 174 -15.69 -7.93 -0.49
OP1 CCC A 174 -16.58 -9.13 -0.30
OP2 CCC A 174 -16.33 -6.60 -0.83
O5' CCC A 174 -14.76 -7.69 0.81
C5' CCC A 174 -14.94 -8.35 2.06
C4' CCC A 174 -13.57 -8.74 2.64
O4' CCC A 174 -12.53 -7.85 2.19
C3' CCC A 174 -13.45 -8.55 4.13
O3' CCC A 174 -13.25 -9.65 5.07
C2' CCC A 174 -12.89 -7.21 4.47
O2' CCC A 174 -12.32 -7.44 5.75
C1' CCC A 174 -12.00 -7.00 3.25
N1 CCC A 174 -12.06 -5.58 2.85
C2 CCC A 174 -11.29 -4.58 3.51
O2 CCC A 174 -10.54 -4.89 4.46
N3 CCC A 174 -11.36 -3.29 3.11
C4 CCC A 174 -12.18 -2.93 2.08
N4 CCC A 174 -12.25 -1.64 1.69
C5 CCC A 174 -12.94 -3.89 1.43
C6 CCC A 174 -12.87 -5.22 1.83
K K B . 23.05 6.24 -7.42
NA NA C . 8.30 1.59 -10.98
NA NA D . 31.22 -1.27 -12.65
NA NA E . 34.10 -1.94 -26.80
NA NA F . 41.73 -7.26 -30.41
NA NA G . 16.71 10.82 -12.64
NA NA H . 11.70 11.49 13.22
NA NA I . -9.04 0.38 -0.40
NA NA J . 31.38 4.04 -14.40
NA NA K . 31.53 -9.69 -29.98
NA NA L . 25.02 -10.54 -21.48
NA NA M . 7.25 24.59 4.89
O IEL N . 20.16 4.68 -5.80
C IEL N . 20.20 4.09 -6.90
OXT IEL N . 20.70 4.63 -7.91
CA IEL N . 19.67 2.68 -6.98
N IEL N . 18.93 2.42 -5.76
CB IEL N . 18.77 2.46 -8.20
CG' IEL N . 17.91 1.22 -7.98
CG IEL N . 17.59 0.49 -9.28
CD IEL N . 18.02 -0.97 -9.18
NE IEL N . 16.86 -1.73 -8.73
CZ IEL N . 16.49 -2.02 -7.49
NH1 IEL N . 17.15 -1.62 -6.42
CH2 IEL N . 15.24 -2.83 -7.28
#